data_6TOQ
#
_entry.id   6TOQ
#
_cell.length_a   58.770
_cell.length_b   58.770
_cell.length_c   321.150
_cell.angle_alpha   90.000
_cell.angle_beta   90.000
_cell.angle_gamma   90.000
#
_symmetry.space_group_name_H-M   'P 43 21 2'
#
loop_
_entity.id
_entity.type
_entity.pdbx_description
1 polymer 'Pol protein'
2 polymer 'Serine/threonine-protein phosphatase 2A 56 kDa regulatory subunit gamma isoform'
3 water water
#
loop_
_entity_poly.entity_id
_entity_poly.type
_entity_poly.pdbx_seq_one_letter_code
_entity_poly.pdbx_strand_id
1 'polypeptide(L)'
;CHKTRWQLHHSPRLQPIPETHSLSNKQTHWYYFKLPGLNSRQWKGPQEALQEAAGAALIPVSASSAQWIPWRLLKRAACP
RPVGGPADPKEKDHQHHG
;
CCC
2 'polypeptide(L)'
;MVVDAANSNGPFQPVVLLHIRDVPPADQEKLFIQKLRQCCVLFDFVSDPLSDLKWKEVKRAALSEMVEYITHNRNVITEP
IYPEVVHMFAVNMFRTLPPSSNPTGAEFDPEEDEPTLEAAWPHLQLVYEFFLRFLESPDFQPNIAKKYIDQKFVLQLLEL
FDSEDPRERDFLKTTLHRIYGKFLGLRAYIRKQINNIFYRFIYETEHHNGIAELLEILGSIINGFALPLKEEHKIFLLKV
LLPLHKVKSLSVYHPQLAYCVVQFLEKDSTLTEPVVMALLKYWPKTHSPKEVMFLNELEEILDVIEPSEFVKIMEPLFRQ
LAKCVSSPHFQVAERALYYWNNEYIMSLISDNAAKILPIMFPSLYRNSKT
;
AAA
#
# COMPACT_ATOMS: atom_id res chain seq x y z
N ARG A 13 -5.47 8.62 0.84
CA ARG A 13 -6.17 9.10 -0.38
C ARG A 13 -6.40 7.94 -1.34
N LEU A 14 -6.39 6.70 -0.81
CA LEU A 14 -6.59 5.49 -1.60
C LEU A 14 -7.96 4.88 -1.32
N GLN A 15 -8.75 4.65 -2.39
CA GLN A 15 -10.18 4.35 -2.36
C GLN A 15 -10.42 2.95 -1.78
N PRO A 16 -11.38 2.76 -0.86
CA PRO A 16 -11.69 1.45 -0.30
C PRO A 16 -12.43 0.50 -1.25
N ILE A 17 -12.03 -0.79 -1.20
CA ILE A 17 -12.40 -1.82 -2.16
C ILE A 17 -13.40 -2.79 -1.53
N PRO A 18 -14.63 -2.86 -2.09
CA PRO A 18 -15.70 -3.70 -1.52
C PRO A 18 -15.37 -5.19 -1.56
N GLU A 19 -14.37 -5.58 -0.77
CA GLU A 19 -13.94 -6.96 -0.60
C GLU A 19 -15.11 -7.78 -0.04
N VAL B 16 18.25 5.47 -37.84
CA VAL B 16 17.30 5.20 -36.70
C VAL B 16 17.78 3.99 -35.87
N LEU B 17 16.96 3.53 -34.93
CA LEU B 17 17.14 2.19 -34.38
C LEU B 17 15.84 1.70 -33.73
N LEU B 18 14.71 2.31 -34.10
CA LEU B 18 13.42 1.79 -33.68
C LEU B 18 12.35 2.05 -34.74
N HIS B 19 12.68 1.71 -35.99
CA HIS B 19 11.71 1.77 -37.08
C HIS B 19 11.51 3.20 -37.58
N ILE B 20 10.23 3.55 -37.82
CA ILE B 20 9.86 4.83 -38.41
C ILE B 20 8.40 5.20 -38.12
N ARG B 21 8.25 6.13 -37.17
CA ARG B 21 6.96 6.66 -36.75
C ARG B 21 7.12 8.04 -36.11
N ASP B 22 5.97 8.57 -35.66
CA ASP B 22 5.61 9.97 -35.67
C ASP B 22 4.30 10.12 -34.90
N VAL B 23 3.88 11.36 -34.63
CA VAL B 23 2.66 11.63 -33.88
C VAL B 23 1.49 10.95 -34.64
N PRO B 24 0.36 10.48 -34.03
CA PRO B 24 -0.83 10.08 -34.78
C PRO B 24 -1.80 11.22 -35.07
N PRO B 25 -1.59 12.01 -36.15
CA PRO B 25 -2.69 12.48 -36.99
C PRO B 25 -2.77 11.54 -38.20
N ALA B 26 -3.91 10.82 -38.38
CA ALA B 26 -4.08 9.89 -39.50
C ALA B 26 -5.42 9.12 -39.44
N ASP B 27 -6.23 9.40 -38.42
CA ASP B 27 -6.62 8.42 -37.41
C ASP B 27 -6.81 6.95 -37.80
N GLN B 28 -5.86 6.12 -37.26
CA GLN B 28 -5.96 4.69 -36.99
C GLN B 28 -5.23 4.23 -35.72
N GLU B 29 -5.52 2.97 -35.37
CA GLU B 29 -5.08 2.28 -34.17
C GLU B 29 -3.81 1.49 -34.50
N LYS B 30 -3.66 1.12 -35.77
CA LYS B 30 -2.50 0.32 -36.14
C LYS B 30 -1.22 1.08 -35.82
N LEU B 31 -1.29 2.41 -35.95
CA LEU B 31 -0.13 3.22 -35.61
C LEU B 31 0.11 3.07 -34.11
N PHE B 32 -1.00 3.12 -33.36
CA PHE B 32 -1.00 3.08 -31.91
C PHE B 32 -0.32 1.80 -31.44
N ILE B 33 -0.74 0.68 -32.04
CA ILE B 33 -0.05 -0.59 -31.88
C ILE B 33 1.47 -0.40 -32.06
N GLN B 34 1.92 0.00 -33.25
CA GLN B 34 3.36 0.08 -33.48
C GLN B 34 4.12 0.91 -32.45
N LYS B 35 3.47 1.87 -31.77
CA LYS B 35 4.25 2.73 -30.89
C LYS B 35 4.61 1.99 -29.61
N LEU B 36 3.59 1.36 -29.01
CA LEU B 36 3.75 0.45 -27.87
C LEU B 36 4.89 -0.53 -28.18
N ARG B 37 5.00 -0.88 -29.46
CA ARG B 37 5.76 -2.02 -29.93
C ARG B 37 7.21 -1.65 -30.11
N GLN B 38 7.46 -0.36 -30.41
CA GLN B 38 8.83 0.10 -30.55
C GLN B 38 9.25 0.79 -29.25
N CYS B 39 8.25 0.99 -28.38
CA CYS B 39 8.47 1.38 -27.00
C CYS B 39 8.88 0.18 -26.16
N CYS B 40 9.05 -0.99 -26.81
CA CYS B 40 9.59 -2.16 -26.14
C CYS B 40 11.10 -2.17 -26.32
N VAL B 41 11.56 -1.31 -27.20
CA VAL B 41 12.99 -1.14 -27.36
C VAL B 41 13.55 -0.57 -26.05
N LEU B 42 14.36 -1.38 -25.37
CA LEU B 42 14.92 -0.96 -24.09
C LEU B 42 16.24 -0.22 -24.32
N PHE B 43 16.64 0.58 -23.30
CA PHE B 43 17.86 1.39 -23.31
C PHE B 43 18.71 1.23 -22.05
N ASP B 44 19.97 1.71 -22.13
CA ASP B 44 20.87 1.64 -21.01
C ASP B 44 20.88 2.97 -20.27
N PHE B 45 20.41 2.97 -19.01
CA PHE B 45 20.55 4.17 -18.22
C PHE B 45 21.62 4.00 -17.14
N VAL B 46 22.29 2.84 -17.10
CA VAL B 46 23.15 2.51 -15.97
C VAL B 46 24.60 2.40 -16.42
N SER B 47 24.95 1.32 -17.13
CA SER B 47 26.33 0.93 -17.39
C SER B 47 26.97 1.73 -18.53
N ASP B 48 26.36 2.88 -18.90
CA ASP B 48 26.81 3.88 -19.87
C ASP B 48 25.66 4.86 -20.08
N PRO B 49 25.40 5.76 -19.11
CA PRO B 49 24.22 6.61 -19.16
C PRO B 49 24.20 7.49 -20.40
N LEU B 50 25.37 7.64 -21.02
CA LEU B 50 25.59 8.64 -22.04
C LEU B 50 25.32 8.09 -23.45
N SER B 51 24.87 6.84 -23.53
CA SER B 51 24.61 6.19 -24.80
C SER B 51 23.23 6.61 -25.33
N ASP B 52 23.07 6.59 -26.66
CA ASP B 52 21.79 6.73 -27.35
C ASP B 52 20.89 7.75 -26.68
N LEU B 53 21.38 9.00 -26.54
CA LEU B 53 20.61 10.02 -25.84
C LEU B 53 19.45 10.44 -26.74
N LYS B 54 19.72 10.56 -28.05
CA LYS B 54 18.69 10.97 -29.01
C LYS B 54 17.56 9.95 -29.02
N TRP B 55 17.91 8.66 -28.90
CA TRP B 55 16.95 7.58 -28.97
C TRP B 55 16.14 7.52 -27.69
N LYS B 56 16.84 7.71 -26.56
CA LYS B 56 16.21 7.78 -25.25
C LYS B 56 15.06 8.80 -25.31
N GLU B 57 15.37 10.02 -25.78
CA GLU B 57 14.38 11.10 -25.85
C GLU B 57 13.17 10.74 -26.71
N VAL B 58 13.38 10.07 -27.87
CA VAL B 58 12.33 9.59 -28.76
C VAL B 58 11.31 8.73 -28.01
N LYS B 59 11.85 7.70 -27.32
CA LYS B 59 11.08 6.75 -26.51
C LYS B 59 10.29 7.49 -25.44
N ARG B 60 10.97 8.41 -24.70
CA ARG B 60 10.36 9.34 -23.75
C ARG B 60 9.16 10.06 -24.40
N ALA B 61 9.39 10.69 -25.56
CA ALA B 61 8.35 11.44 -26.25
C ALA B 61 7.18 10.55 -26.63
N ALA B 62 7.48 9.32 -27.08
CA ALA B 62 6.48 8.38 -27.59
C ALA B 62 5.51 7.98 -26.48
N LEU B 63 6.07 7.61 -25.32
CA LEU B 63 5.28 7.25 -24.16
C LEU B 63 4.38 8.44 -23.79
N SER B 64 5.02 9.62 -23.77
CA SER B 64 4.40 10.91 -23.45
C SER B 64 3.25 11.13 -24.41
N GLU B 65 3.51 10.85 -25.69
CA GLU B 65 2.48 10.92 -26.72
C GLU B 65 1.32 10.02 -26.31
N MET B 66 1.59 8.72 -26.22
CA MET B 66 0.57 7.71 -25.98
C MET B 66 -0.33 8.06 -24.78
N VAL B 67 0.27 8.68 -23.74
CA VAL B 67 -0.43 9.07 -22.53
C VAL B 67 -1.46 10.13 -22.86
N GLU B 68 -1.00 11.26 -23.47
CA GLU B 68 -1.87 12.37 -23.81
C GLU B 68 -3.01 11.87 -24.68
N TYR B 69 -2.73 10.80 -25.44
CA TYR B 69 -3.68 10.19 -26.35
C TYR B 69 -4.80 9.49 -25.57
N ILE B 70 -4.41 8.53 -24.73
CA ILE B 70 -5.33 7.59 -24.11
C ILE B 70 -6.24 8.31 -23.11
N THR B 71 -5.82 9.48 -22.62
CA THR B 71 -6.58 10.24 -21.64
C THR B 71 -7.59 11.16 -22.34
N HIS B 72 -7.22 11.63 -23.53
CA HIS B 72 -7.89 12.78 -24.12
C HIS B 72 -8.87 12.37 -25.22
N ASN B 73 -8.86 11.11 -25.65
CA ASN B 73 -9.71 10.78 -26.78
C ASN B 73 -10.28 9.38 -26.60
N ARG B 74 -11.62 9.30 -26.48
CA ARG B 74 -12.35 8.11 -26.06
C ARG B 74 -12.48 7.07 -27.19
N ASN B 75 -12.76 5.82 -26.78
CA ASN B 75 -12.95 4.67 -27.65
C ASN B 75 -11.69 4.38 -28.47
N VAL B 76 -10.51 4.65 -27.86
CA VAL B 76 -9.22 4.38 -28.46
C VAL B 76 -8.61 3.12 -27.84
N ILE B 77 -8.96 2.86 -26.57
CA ILE B 77 -8.76 1.52 -26.03
C ILE B 77 -9.76 0.60 -26.74
N THR B 78 -9.26 -0.53 -27.30
CA THR B 78 -10.04 -1.39 -28.18
C THR B 78 -9.41 -2.77 -28.25
N GLU B 79 -10.24 -3.78 -28.50
CA GLU B 79 -9.95 -5.19 -28.20
C GLU B 79 -8.50 -5.52 -28.54
N PRO B 80 -8.01 -5.21 -29.76
CA PRO B 80 -6.66 -5.64 -30.16
C PRO B 80 -5.50 -5.14 -29.29
N ILE B 81 -5.66 -3.96 -28.65
CA ILE B 81 -4.52 -3.26 -28.06
C ILE B 81 -4.24 -3.77 -26.66
N TYR B 82 -5.23 -4.40 -26.00
CA TYR B 82 -5.04 -4.90 -24.65
C TYR B 82 -3.72 -5.65 -24.56
N PRO B 83 -3.52 -6.75 -25.30
CA PRO B 83 -2.27 -7.51 -25.19
C PRO B 83 -1.05 -6.67 -25.59
N GLU B 84 -1.29 -5.60 -26.35
CA GLU B 84 -0.16 -4.84 -26.85
C GLU B 84 0.36 -3.96 -25.73
N VAL B 85 -0.59 -3.37 -25.00
CA VAL B 85 -0.30 -2.51 -23.87
C VAL B 85 0.36 -3.32 -22.76
N VAL B 86 -0.31 -4.38 -22.28
CA VAL B 86 0.27 -5.28 -21.28
C VAL B 86 1.68 -5.67 -21.71
N HIS B 87 1.82 -6.34 -22.86
CA HIS B 87 3.11 -6.81 -23.35
C HIS B 87 4.17 -5.74 -23.12
N MET B 88 3.83 -4.48 -23.49
CA MET B 88 4.76 -3.36 -23.37
C MET B 88 5.14 -3.10 -21.91
N PHE B 89 4.13 -3.02 -21.01
CA PHE B 89 4.38 -2.77 -19.60
C PHE B 89 5.25 -3.88 -19.04
N ALA B 90 4.93 -5.13 -19.43
CA ALA B 90 5.71 -6.31 -19.15
C ALA B 90 7.18 -6.10 -19.53
N VAL B 91 7.44 -5.71 -20.78
CA VAL B 91 8.81 -5.71 -21.29
C VAL B 91 9.65 -4.64 -20.58
N ASN B 92 9.02 -3.61 -20.01
CA ASN B 92 9.80 -2.52 -19.43
C ASN B 92 10.01 -2.71 -17.92
N MET B 93 8.92 -2.99 -17.20
CA MET B 93 8.92 -3.00 -15.74
C MET B 93 9.50 -4.28 -15.16
N PHE B 94 9.14 -5.46 -15.70
CA PHE B 94 9.56 -6.73 -15.11
C PHE B 94 11.05 -7.02 -15.33
N ARG B 95 11.86 -6.65 -14.34
CA ARG B 95 13.31 -6.71 -14.41
C ARG B 95 13.86 -7.09 -13.04
N THR B 96 15.17 -7.34 -13.00
CA THR B 96 15.81 -7.72 -11.75
C THR B 96 16.49 -6.46 -11.20
N LEU B 97 16.33 -6.27 -9.88
CA LEU B 97 16.54 -5.02 -9.18
C LEU B 97 17.90 -5.00 -8.46
N PRO B 98 18.60 -3.83 -8.39
CA PRO B 98 19.79 -3.67 -7.53
C PRO B 98 19.57 -3.45 -6.02
N PRO B 99 20.67 -3.41 -5.22
CA PRO B 99 20.60 -3.12 -3.77
C PRO B 99 21.26 -1.77 -3.44
N ASP B 113 20.79 4.31 6.19
CA ASP B 113 21.03 4.06 4.73
C ASP B 113 20.10 4.91 3.87
N GLU B 114 20.58 5.37 2.69
CA GLU B 114 19.81 6.19 1.75
C GLU B 114 19.64 5.44 0.43
N PRO B 115 18.50 5.59 -0.31
CA PRO B 115 18.10 4.63 -1.35
C PRO B 115 18.85 4.72 -2.68
N THR B 116 18.66 3.68 -3.49
CA THR B 116 19.05 3.72 -4.89
C THR B 116 17.80 4.08 -5.67
N LEU B 117 17.99 4.91 -6.70
CA LEU B 117 16.91 5.31 -7.58
C LEU B 117 17.04 4.65 -8.96
N GLU B 118 15.89 4.42 -9.60
CA GLU B 118 15.89 3.77 -10.90
C GLU B 118 16.48 4.72 -11.96
N ALA B 119 17.67 4.37 -12.45
CA ALA B 119 18.39 5.14 -13.45
C ALA B 119 17.50 5.40 -14.65
N ALA B 120 16.50 4.54 -14.84
CA ALA B 120 15.70 4.50 -16.03
C ALA B 120 14.35 5.17 -15.81
N TRP B 121 14.20 5.83 -14.66
CA TRP B 121 12.94 6.48 -14.33
C TRP B 121 12.40 7.29 -15.52
N PRO B 122 13.24 8.09 -16.26
CA PRO B 122 12.76 8.92 -17.38
C PRO B 122 11.91 8.20 -18.43
N HIS B 123 12.20 6.91 -18.67
CA HIS B 123 11.29 6.01 -19.36
C HIS B 123 10.26 5.42 -18.37
N LEU B 124 10.76 4.76 -17.32
CA LEU B 124 9.91 3.87 -16.54
C LEU B 124 8.79 4.63 -15.82
N GLN B 125 8.99 5.91 -15.54
CA GLN B 125 7.90 6.65 -14.92
C GLN B 125 6.69 6.70 -15.86
N LEU B 126 6.93 6.92 -17.16
CA LEU B 126 5.83 7.11 -18.08
C LEU B 126 5.15 5.77 -18.34
N VAL B 127 5.92 4.67 -18.31
CA VAL B 127 5.34 3.35 -18.46
C VAL B 127 4.40 3.12 -17.29
N TYR B 128 4.78 3.61 -16.11
CA TYR B 128 3.88 3.60 -14.95
C TYR B 128 2.62 4.42 -15.23
N GLU B 129 2.83 5.69 -15.61
CA GLU B 129 1.77 6.65 -15.87
C GLU B 129 0.78 6.04 -16.87
N PHE B 130 1.33 5.71 -18.05
CA PHE B 130 0.58 5.26 -19.21
C PHE B 130 -0.36 4.11 -18.84
N PHE B 131 0.16 3.17 -18.06
CA PHE B 131 -0.56 1.96 -17.68
C PHE B 131 -1.76 2.27 -16.78
N LEU B 132 -1.93 3.53 -16.35
CA LEU B 132 -3.07 3.89 -15.53
C LEU B 132 -4.18 4.60 -16.32
N PHE B 134 -5.07 4.13 -18.45
CA PHE B 134 -5.37 2.91 -19.25
C PHE B 134 -6.23 2.00 -18.39
N LEU B 135 -5.78 1.77 -17.15
CA LEU B 135 -6.54 1.00 -16.18
C LEU B 135 -7.74 1.81 -15.74
N GLU B 136 -7.56 3.14 -15.76
CA GLU B 136 -8.54 4.06 -15.24
C GLU B 136 -9.35 4.71 -16.37
N SER B 137 -8.96 4.46 -17.62
CA SER B 137 -9.71 5.07 -18.71
C SER B 137 -11.14 4.56 -18.70
N PRO B 138 -12.15 5.45 -18.84
CA PRO B 138 -13.56 5.08 -18.74
C PRO B 138 -13.92 3.85 -19.55
N ASP B 139 -13.32 3.70 -20.73
CA ASP B 139 -13.70 2.58 -21.58
C ASP B 139 -12.69 1.44 -21.42
N PHE B 140 -12.11 1.31 -20.23
CA PHE B 140 -11.42 0.08 -19.93
C PHE B 140 -12.47 -0.99 -19.62
N GLN B 141 -12.58 -1.99 -20.50
CA GLN B 141 -13.43 -3.15 -20.27
C GLN B 141 -12.58 -4.28 -19.63
N PRO B 142 -12.71 -4.55 -18.31
CA PRO B 142 -11.86 -5.53 -17.62
C PRO B 142 -12.11 -6.97 -18.08
N ASN B 143 -13.27 -7.16 -18.74
CA ASN B 143 -13.71 -8.41 -19.33
C ASN B 143 -12.79 -8.84 -20.49
N ILE B 144 -12.29 -7.88 -21.30
CA ILE B 144 -11.34 -8.17 -22.37
C ILE B 144 -9.97 -8.39 -21.74
N ALA B 145 -9.64 -7.57 -20.71
CA ALA B 145 -8.34 -7.45 -20.08
C ALA B 145 -7.96 -8.73 -19.34
N LYS B 146 -8.96 -9.29 -18.67
CA LYS B 146 -8.79 -10.49 -17.87
C LYS B 146 -7.94 -11.51 -18.63
N LYS B 147 -7.89 -11.40 -19.97
CA LYS B 147 -7.15 -12.35 -20.79
C LYS B 147 -5.65 -12.26 -20.47
N TYR B 148 -5.18 -11.01 -20.28
CA TYR B 148 -3.75 -10.74 -20.31
C TYR B 148 -3.25 -10.30 -18.93
N ILE B 149 -4.12 -9.74 -18.12
CA ILE B 149 -3.70 -9.28 -16.81
C ILE B 149 -4.03 -10.37 -15.79
N ASP B 150 -3.21 -11.43 -15.81
CA ASP B 150 -3.46 -12.68 -15.12
C ASP B 150 -2.53 -12.79 -13.92
N GLN B 151 -2.45 -14.00 -13.36
CA GLN B 151 -1.75 -14.25 -12.11
C GLN B 151 -0.26 -14.16 -12.36
N LYS B 152 0.20 -14.64 -13.53
CA LYS B 152 1.62 -14.67 -13.88
C LYS B 152 2.19 -13.24 -13.89
N PHE B 153 1.32 -12.31 -14.31
CA PHE B 153 1.60 -10.88 -14.37
C PHE B 153 1.61 -10.32 -12.96
N VAL B 154 0.42 -10.32 -12.35
CA VAL B 154 0.17 -9.74 -11.04
C VAL B 154 1.28 -10.12 -10.07
N LEU B 155 1.85 -11.33 -10.24
CA LEU B 155 2.95 -11.77 -9.39
C LEU B 155 4.18 -10.88 -9.55
N GLN B 156 4.73 -10.85 -10.79
CA GLN B 156 5.95 -10.14 -11.10
C GLN B 156 5.74 -8.66 -10.88
N LEU B 157 4.47 -8.22 -10.85
CA LEU B 157 4.13 -6.88 -10.41
C LEU B 157 4.49 -6.72 -8.93
N LEU B 158 4.03 -7.69 -8.13
CA LEU B 158 4.24 -7.76 -6.70
C LEU B 158 5.72 -7.89 -6.38
N GLU B 159 6.45 -8.57 -7.29
CA GLU B 159 7.86 -8.83 -7.13
C GLU B 159 8.63 -7.49 -7.16
N LEU B 160 8.01 -6.48 -7.78
CA LEU B 160 8.66 -5.21 -8.00
C LEU B 160 8.54 -4.30 -6.79
N PHE B 161 7.74 -4.70 -5.79
CA PHE B 161 7.51 -3.91 -4.58
C PHE B 161 8.77 -3.85 -3.69
N ASP B 162 9.81 -4.61 -4.05
CA ASP B 162 11.06 -4.61 -3.31
C ASP B 162 11.98 -3.53 -3.87
N SER B 163 11.42 -2.63 -4.67
CA SER B 163 12.20 -1.56 -5.25
C SER B 163 12.63 -0.58 -4.16
N GLU B 164 13.91 -0.19 -4.20
CA GLU B 164 14.47 0.77 -3.25
C GLU B 164 13.94 2.17 -3.52
N ASP B 165 13.58 2.40 -4.80
CA ASP B 165 13.14 3.68 -5.29
C ASP B 165 11.71 3.90 -4.85
N PRO B 166 11.46 4.95 -4.05
CA PRO B 166 10.15 5.17 -3.44
C PRO B 166 9.16 5.53 -4.52
N ARG B 167 9.60 6.35 -5.46
CA ARG B 167 8.60 6.87 -6.36
C ARG B 167 8.16 5.75 -7.31
N GLU B 168 8.92 4.65 -7.35
CA GLU B 168 8.46 3.49 -8.09
C GLU B 168 7.41 2.74 -7.30
N ARG B 169 7.71 2.46 -6.01
CA ARG B 169 6.80 1.82 -5.09
C ARG B 169 5.46 2.56 -5.07
N ASP B 170 5.54 3.89 -5.05
CA ASP B 170 4.36 4.73 -5.07
C ASP B 170 3.48 4.32 -6.24
N PHE B 171 4.10 4.11 -7.40
CA PHE B 171 3.37 3.80 -8.63
C PHE B 171 2.73 2.42 -8.56
N LEU B 172 3.49 1.45 -8.04
CA LEU B 172 3.05 0.07 -7.93
C LEU B 172 1.85 0.02 -6.97
N LYS B 173 1.97 0.77 -5.86
CA LYS B 173 0.94 0.76 -4.84
C LYS B 173 -0.39 1.05 -5.50
N THR B 174 -0.46 2.16 -6.25
CA THR B 174 -1.71 2.54 -6.87
C THR B 174 -2.08 1.53 -7.96
N THR B 175 -1.17 1.26 -8.89
CA THR B 175 -1.41 0.30 -9.96
C THR B 175 -2.10 -0.94 -9.41
N LEU B 176 -1.43 -1.61 -8.46
CA LEU B 176 -1.88 -2.89 -7.91
C LEU B 176 -3.24 -2.68 -7.24
N HIS B 177 -3.45 -1.49 -6.70
CA HIS B 177 -4.74 -1.17 -6.11
C HIS B 177 -5.83 -1.31 -7.17
N ARG B 178 -5.61 -0.64 -8.31
CA ARG B 178 -6.58 -0.64 -9.40
C ARG B 178 -6.90 -2.06 -9.82
N ILE B 179 -5.84 -2.85 -10.04
CA ILE B 179 -5.99 -4.20 -10.53
C ILE B 179 -6.91 -5.00 -9.60
N TYR B 180 -6.68 -4.88 -8.29
CA TYR B 180 -7.51 -5.55 -7.30
C TYR B 180 -8.98 -5.12 -7.47
N GLY B 181 -9.22 -3.81 -7.53
CA GLY B 181 -10.58 -3.31 -7.45
C GLY B 181 -11.39 -3.51 -8.73
N LYS B 182 -10.77 -4.08 -9.78
CA LYS B 182 -11.36 -4.18 -11.10
C LYS B 182 -11.37 -5.64 -11.59
N PHE B 183 -10.37 -6.43 -11.17
CA PHE B 183 -10.31 -7.85 -11.46
C PHE B 183 -10.71 -8.66 -10.22
N LEU B 184 -12.02 -8.81 -9.99
CA LEU B 184 -12.51 -9.70 -8.94
C LEU B 184 -11.77 -11.04 -9.01
N GLY B 185 -11.38 -11.42 -10.24
CA GLY B 185 -10.78 -12.70 -10.59
C GLY B 185 -9.44 -12.88 -9.89
N LEU B 186 -8.75 -11.81 -9.54
CA LEU B 186 -7.46 -11.98 -8.91
C LEU B 186 -7.50 -11.66 -7.40
N ARG B 187 -8.63 -11.14 -6.91
CA ARG B 187 -8.73 -10.64 -5.54
C ARG B 187 -8.15 -11.71 -4.60
N ALA B 188 -8.70 -12.93 -4.76
CA ALA B 188 -8.25 -14.14 -4.11
C ALA B 188 -6.72 -14.18 -4.11
N TYR B 189 -6.16 -14.48 -5.28
CA TYR B 189 -4.74 -14.74 -5.50
C TYR B 189 -3.84 -13.73 -4.80
N ILE B 190 -4.12 -12.43 -5.00
CA ILE B 190 -3.36 -11.34 -4.42
C ILE B 190 -3.31 -11.56 -2.91
N ARG B 191 -4.49 -11.68 -2.29
CA ARG B 191 -4.48 -11.78 -0.84
C ARG B 191 -3.42 -12.79 -0.38
N LYS B 192 -3.43 -13.99 -0.99
CA LYS B 192 -2.51 -15.06 -0.63
C LYS B 192 -1.05 -14.59 -0.75
N GLN B 193 -0.78 -13.84 -1.82
CA GLN B 193 0.59 -13.50 -2.19
C GLN B 193 1.15 -12.47 -1.22
N ILE B 194 0.25 -11.64 -0.66
CA ILE B 194 0.64 -10.61 0.29
C ILE B 194 0.88 -11.25 1.65
N ASN B 195 -0.06 -12.11 2.07
CA ASN B 195 0.14 -13.03 3.17
C ASN B 195 1.57 -13.57 3.13
N ASN B 196 1.91 -14.26 2.02
CA ASN B 196 3.15 -15.01 1.87
C ASN B 196 4.37 -14.07 1.87
N ILE B 197 4.13 -12.74 1.93
CA ILE B 197 5.22 -11.77 1.96
C ILE B 197 5.43 -11.38 3.40
N PHE B 198 4.33 -11.02 4.04
CA PHE B 198 4.33 -10.69 5.45
C PHE B 198 4.86 -11.86 6.31
N TYR B 199 4.33 -13.07 6.06
CA TYR B 199 4.81 -14.29 6.72
C TYR B 199 6.31 -14.44 6.54
N ARG B 200 6.79 -14.39 5.29
CA ARG B 200 8.23 -14.49 5.08
C ARG B 200 8.96 -13.31 5.74
N PHE B 201 8.24 -12.20 5.94
CA PHE B 201 8.87 -10.98 6.42
C PHE B 201 9.08 -11.03 7.94
N ILE B 202 8.06 -11.52 8.64
CA ILE B 202 8.07 -11.62 10.09
C ILE B 202 8.86 -12.86 10.53
N TYR B 203 8.59 -14.02 9.88
CA TYR B 203 9.13 -15.31 10.29
C TYR B 203 10.40 -15.61 9.51
N GLU B 204 10.27 -15.99 8.22
CA GLU B 204 11.39 -16.33 7.36
C GLU B 204 12.45 -15.23 7.39
N THR B 205 12.19 -14.16 8.12
CA THR B 205 13.19 -13.18 8.48
C THR B 205 13.72 -12.38 7.27
N GLU B 206 13.27 -12.71 6.04
CA GLU B 206 13.73 -11.98 4.86
C GLU B 206 13.05 -10.60 4.82
N HIS B 207 13.85 -9.53 4.58
CA HIS B 207 13.41 -8.13 4.53
C HIS B 207 12.74 -7.89 3.18
N HIS B 208 11.63 -7.11 3.18
CA HIS B 208 10.71 -7.20 2.05
C HIS B 208 10.23 -5.84 1.58
N ASN B 209 10.68 -4.78 2.28
CA ASN B 209 11.09 -3.53 1.62
C ASN B 209 9.98 -2.62 1.06
N GLY B 210 8.75 -3.15 0.83
CA GLY B 210 7.57 -2.41 0.36
C GLY B 210 6.34 -2.62 1.25
N ILE B 211 6.56 -2.53 2.55
CA ILE B 211 5.61 -3.08 3.50
C ILE B 211 4.60 -1.99 3.83
N ALA B 212 5.03 -0.72 3.73
CA ALA B 212 4.17 0.40 4.11
C ALA B 212 3.14 0.64 3.01
N GLU B 213 3.56 0.39 1.76
CA GLU B 213 2.68 0.48 0.62
C GLU B 213 1.70 -0.70 0.64
N LEU B 214 2.25 -1.91 0.82
CA LEU B 214 1.39 -3.08 0.80
C LEU B 214 0.31 -2.90 1.87
N LEU B 215 0.70 -2.28 2.99
CA LEU B 215 -0.14 -2.17 4.17
C LEU B 215 -1.26 -1.16 3.91
N GLU B 216 -0.97 -0.16 3.08
CA GLU B 216 -1.94 0.87 2.76
C GLU B 216 -3.05 0.28 1.87
N ILE B 217 -2.65 -0.62 0.96
CA ILE B 217 -3.58 -1.41 0.17
C ILE B 217 -4.56 -2.10 1.12
N LEU B 218 -4.02 -2.86 2.08
CA LEU B 218 -4.82 -3.75 2.90
C LEU B 218 -5.91 -2.99 3.64
N GLY B 219 -5.54 -1.82 4.17
CA GLY B 219 -6.46 -0.90 4.83
C GLY B 219 -7.75 -0.74 4.03
N SER B 220 -7.61 -0.57 2.71
CA SER B 220 -8.77 -0.34 1.85
C SER B 220 -9.45 -1.67 1.51
N ILE B 221 -8.69 -2.77 1.50
CA ILE B 221 -9.30 -4.07 1.38
C ILE B 221 -10.06 -4.37 2.66
N ILE B 222 -9.47 -3.99 3.80
CA ILE B 222 -10.04 -4.17 5.13
C ILE B 222 -11.31 -3.33 5.29
N ASN B 223 -11.23 -2.02 4.97
CA ASN B 223 -12.41 -1.16 5.07
C ASN B 223 -13.60 -1.83 4.36
N GLY B 224 -13.32 -2.46 3.22
CA GLY B 224 -14.38 -2.97 2.37
C GLY B 224 -14.86 -4.36 2.79
N PHE B 225 -14.18 -4.94 3.78
CA PHE B 225 -14.52 -6.29 4.19
C PHE B 225 -16.00 -6.40 4.54
N ALA B 226 -16.59 -7.55 4.19
CA ALA B 226 -17.99 -7.81 4.47
C ALA B 226 -18.12 -8.43 5.86
N LEU B 227 -19.32 -8.26 6.45
CA LEU B 227 -19.64 -8.71 7.80
C LEU B 227 -20.44 -10.00 7.73
N PRO B 228 -20.24 -10.92 8.72
CA PRO B 228 -19.18 -10.79 9.72
C PRO B 228 -17.78 -11.04 9.16
N LEU B 229 -16.75 -10.55 9.86
CA LEU B 229 -15.39 -10.83 9.43
C LEU B 229 -15.26 -12.34 9.32
N LYS B 230 -14.93 -12.82 8.12
CA LYS B 230 -14.48 -14.19 7.92
C LYS B 230 -13.33 -14.45 8.89
N GLU B 231 -13.33 -15.63 9.52
CA GLU B 231 -12.40 -15.90 10.60
C GLU B 231 -10.97 -15.91 10.08
N GLU B 232 -10.84 -16.00 8.75
CA GLU B 232 -9.53 -15.94 8.11
C GLU B 232 -8.94 -14.56 8.31
N HIS B 233 -9.72 -13.52 8.00
CA HIS B 233 -9.29 -12.15 8.22
C HIS B 233 -8.96 -11.97 9.71
N LYS B 234 -9.86 -12.45 10.59
CA LYS B 234 -9.67 -12.43 12.03
C LYS B 234 -8.29 -12.96 12.43
N ILE B 235 -7.82 -13.98 11.68
CA ILE B 235 -6.60 -14.70 12.01
C ILE B 235 -5.39 -13.93 11.51
N PHE B 236 -5.52 -13.35 10.32
CA PHE B 236 -4.44 -12.57 9.71
C PHE B 236 -4.10 -11.40 10.62
N LEU B 237 -5.15 -10.83 11.25
CA LEU B 237 -4.95 -9.81 12.25
C LEU B 237 -3.97 -10.35 13.28
N LEU B 238 -4.33 -11.50 13.83
CA LEU B 238 -3.72 -11.94 15.07
C LEU B 238 -2.35 -12.51 14.77
N LYS B 239 -2.15 -13.09 13.59
CA LYS B 239 -0.92 -13.79 13.30
C LYS B 239 0.04 -12.97 12.44
N VAL B 240 -0.41 -11.86 11.84
CA VAL B 240 0.45 -11.15 10.91
C VAL B 240 0.53 -9.67 11.28
N LEU B 241 -0.63 -9.07 11.54
CA LEU B 241 -0.76 -7.63 11.73
C LEU B 241 -0.17 -7.19 13.07
N LEU B 242 -0.34 -8.02 14.12
CA LEU B 242 0.10 -7.67 15.46
C LEU B 242 1.61 -7.86 15.58
N PRO B 243 2.18 -8.99 15.10
CA PRO B 243 3.63 -9.20 15.18
C PRO B 243 4.46 -8.10 14.52
N LEU B 244 3.86 -7.39 13.54
CA LEU B 244 4.55 -6.31 12.85
C LEU B 244 5.04 -5.27 13.85
N HIS B 245 4.27 -5.08 14.94
CA HIS B 245 4.60 -4.12 15.98
C HIS B 245 5.94 -4.46 16.61
N LYS B 246 6.32 -5.73 16.51
CA LYS B 246 7.44 -6.22 17.27
C LYS B 246 8.74 -6.00 16.50
N VAL B 247 8.63 -5.68 15.21
CA VAL B 247 9.81 -5.62 14.36
C VAL B 247 10.51 -4.27 14.55
N LYS B 248 11.80 -4.16 14.18
CA LYS B 248 12.67 -3.04 14.53
C LYS B 248 12.34 -1.84 13.65
N SER B 249 11.86 -2.09 12.43
CA SER B 249 11.71 -1.03 11.45
C SER B 249 10.30 -0.43 11.52
N LEU B 250 9.54 -0.84 12.55
CA LEU B 250 8.12 -0.58 12.66
C LEU B 250 7.80 0.88 12.37
N SER B 251 8.73 1.77 12.72
CA SER B 251 8.48 3.21 12.65
C SER B 251 8.27 3.61 11.19
N VAL B 252 8.88 2.79 10.32
CA VAL B 252 9.00 3.07 8.90
C VAL B 252 7.67 2.77 8.23
N TYR B 253 6.80 2.01 8.89
CA TYR B 253 5.56 1.66 8.22
C TYR B 253 4.38 1.78 9.16
N HIS B 254 4.65 2.38 10.33
CA HIS B 254 3.77 2.27 11.48
C HIS B 254 2.43 2.95 11.21
N PRO B 255 2.41 4.21 10.69
CA PRO B 255 1.15 4.92 10.45
C PRO B 255 0.08 4.03 9.82
N GLN B 256 0.50 3.27 8.80
CA GLN B 256 -0.36 2.53 7.91
C GLN B 256 -0.76 1.23 8.59
N LEU B 257 0.15 0.72 9.43
CA LEU B 257 -0.14 -0.46 10.24
C LEU B 257 -1.31 -0.17 11.18
N ALA B 258 -1.24 1.04 11.79
CA ALA B 258 -2.21 1.53 12.74
C ALA B 258 -3.59 1.57 12.10
N TYR B 259 -3.62 1.93 10.81
CA TYR B 259 -4.89 2.10 10.13
C TYR B 259 -5.61 0.76 10.02
N CYS B 260 -4.87 -0.24 9.53
CA CYS B 260 -5.34 -1.62 9.40
C CYS B 260 -5.92 -2.11 10.73
N VAL B 261 -5.21 -1.78 11.82
CA VAL B 261 -5.63 -2.29 13.11
C VAL B 261 -6.98 -1.66 13.46
N VAL B 262 -7.07 -0.33 13.35
CA VAL B 262 -8.26 0.35 13.85
C VAL B 262 -9.43 0.07 12.93
N GLN B 263 -9.12 -0.38 11.70
CA GLN B 263 -10.10 -0.75 10.68
C GLN B 263 -10.71 -2.11 11.02
N PHE B 264 -9.90 -2.96 11.67
CA PHE B 264 -10.40 -4.21 12.20
C PHE B 264 -11.33 -3.92 13.37
N LEU B 265 -10.81 -3.17 14.36
CA LEU B 265 -11.50 -2.94 15.62
C LEU B 265 -12.82 -2.22 15.38
N GLU B 266 -12.99 -1.72 14.15
CA GLU B 266 -14.16 -0.98 13.72
C GLU B 266 -15.12 -1.93 13.01
N LYS B 267 -14.57 -2.97 12.37
CA LYS B 267 -15.42 -3.90 11.65
C LYS B 267 -15.99 -4.90 12.67
N ASP B 268 -15.11 -5.43 13.53
CA ASP B 268 -15.58 -6.23 14.64
C ASP B 268 -14.98 -5.69 15.94
N SER B 269 -15.86 -5.25 16.85
CA SER B 269 -15.50 -4.52 18.05
C SER B 269 -14.93 -5.48 19.10
N THR B 270 -15.10 -6.77 18.82
CA THR B 270 -14.76 -7.92 19.63
C THR B 270 -13.26 -8.17 19.67
N LEU B 271 -12.56 -7.88 18.59
CA LEU B 271 -11.15 -8.21 18.57
C LEU B 271 -10.33 -7.25 19.46
N THR B 272 -10.99 -6.27 20.13
CA THR B 272 -10.32 -5.21 20.91
C THR B 272 -9.45 -5.85 21.98
N GLU B 273 -9.99 -6.92 22.59
CA GLU B 273 -9.41 -7.55 23.77
C GLU B 273 -7.98 -8.06 23.50
N PRO B 274 -7.74 -8.97 22.52
CA PRO B 274 -6.38 -9.40 22.26
C PRO B 274 -5.60 -8.36 21.47
N VAL B 275 -6.28 -7.34 20.95
CA VAL B 275 -5.56 -6.39 20.12
C VAL B 275 -4.74 -5.48 21.02
N VAL B 276 -5.47 -4.85 21.95
CA VAL B 276 -4.89 -3.90 22.87
C VAL B 276 -3.82 -4.61 23.70
N MET B 277 -4.12 -5.85 24.13
CA MET B 277 -3.19 -6.62 24.94
C MET B 277 -1.92 -6.88 24.15
N ALA B 278 -2.09 -7.42 22.96
CA ALA B 278 -0.98 -7.59 22.04
C ALA B 278 -0.11 -6.33 22.08
N LEU B 279 -0.75 -5.16 21.93
CA LEU B 279 -0.07 -3.88 21.77
C LEU B 279 0.70 -3.52 23.04
N LEU B 280 0.10 -3.84 24.19
CA LEU B 280 0.70 -3.48 25.46
C LEU B 280 1.90 -4.38 25.72
N LYS B 281 1.79 -5.67 25.33
CA LYS B 281 2.90 -6.62 25.34
C LYS B 281 4.02 -6.07 24.44
N TYR B 282 3.67 -5.74 23.19
CA TYR B 282 4.66 -5.34 22.21
C TYR B 282 5.09 -3.88 22.41
N TRP B 283 4.89 -3.34 23.62
CA TRP B 283 5.15 -1.93 23.90
C TRP B 283 6.60 -1.72 24.35
N PRO B 284 7.26 -0.60 23.93
CA PRO B 284 8.52 -0.17 24.54
C PRO B 284 8.50 -0.14 26.09
N PRO B 289 10.80 7.17 23.60
CA PRO B 289 11.32 7.14 22.23
C PRO B 289 10.19 7.19 21.19
N LYS B 290 10.01 6.10 20.41
CA LYS B 290 8.89 5.89 19.49
C LYS B 290 7.72 5.29 20.27
N GLU B 291 7.70 5.56 21.58
CA GLU B 291 6.55 5.28 22.42
C GLU B 291 5.37 6.05 21.82
N VAL B 292 5.65 7.18 21.14
CA VAL B 292 4.65 8.14 20.68
C VAL B 292 3.69 7.47 19.71
N MET B 293 4.24 6.67 18.78
CA MET B 293 3.47 6.04 17.73
C MET B 293 2.42 5.15 18.37
N PHE B 294 2.85 4.30 19.31
CA PHE B 294 1.95 3.51 20.13
C PHE B 294 0.84 4.39 20.67
N LEU B 295 1.24 5.51 21.31
CA LEU B 295 0.33 6.50 21.89
C LEU B 295 -0.68 6.99 20.85
N ASN B 296 -0.27 7.00 19.58
CA ASN B 296 -1.20 7.42 18.54
C ASN B 296 -2.21 6.31 18.27
N GLU B 297 -1.67 5.12 17.96
CA GLU B 297 -2.47 3.96 17.62
C GLU B 297 -3.52 3.76 18.70
N LEU B 298 -3.12 3.98 19.96
CA LEU B 298 -3.99 3.68 21.09
C LEU B 298 -5.16 4.66 21.10
N GLU B 299 -4.87 5.96 21.02
CA GLU B 299 -5.96 6.91 20.99
C GLU B 299 -6.89 6.55 19.83
N GLU B 300 -6.30 6.35 18.63
CA GLU B 300 -7.05 5.97 17.43
C GLU B 300 -7.83 4.68 17.72
N ILE B 301 -7.29 3.78 18.57
CA ILE B 301 -8.02 2.60 18.99
C ILE B 301 -9.15 3.00 19.96
N LEU B 302 -8.81 3.86 20.93
CA LEU B 302 -9.77 4.26 21.95
C LEU B 302 -10.98 4.93 21.31
N ASP B 303 -10.74 5.62 20.19
CA ASP B 303 -11.75 6.43 19.51
C ASP B 303 -12.91 5.56 19.04
N VAL B 304 -12.69 4.25 18.95
CA VAL B 304 -13.64 3.36 18.32
C VAL B 304 -14.11 2.29 19.31
N ILE B 305 -13.58 2.35 20.55
CA ILE B 305 -13.77 1.31 21.54
C ILE B 305 -15.19 1.33 22.10
N GLU B 306 -15.81 0.14 22.11
CA GLU B 306 -17.10 -0.05 22.74
C GLU B 306 -16.91 -0.06 24.26
N PRO B 307 -17.82 0.59 25.03
CA PRO B 307 -17.64 0.75 26.48
C PRO B 307 -17.41 -0.58 27.17
N SER B 308 -18.20 -1.58 26.76
CA SER B 308 -18.15 -2.93 27.31
C SER B 308 -16.82 -3.63 27.02
N GLU B 309 -16.10 -3.14 26.01
CA GLU B 309 -14.86 -3.73 25.54
C GLU B 309 -13.67 -2.97 26.13
N PHE B 310 -13.94 -1.71 26.46
CA PHE B 310 -13.02 -0.79 27.11
C PHE B 310 -12.66 -1.34 28.50
N VAL B 311 -13.71 -1.60 29.30
CA VAL B 311 -13.55 -2.19 30.61
C VAL B 311 -12.60 -3.39 30.59
N LYS B 312 -12.60 -4.16 29.50
CA LYS B 312 -11.83 -5.38 29.41
C LYS B 312 -10.35 -5.04 29.62
N ILE B 313 -9.95 -3.82 29.28
CA ILE B 313 -8.51 -3.53 29.20
C ILE B 313 -8.16 -2.21 29.88
N MET B 314 -9.14 -1.58 30.56
CA MET B 314 -8.94 -0.23 31.05
C MET B 314 -7.80 -0.25 32.05
N GLU B 315 -7.89 -1.23 32.95
CA GLU B 315 -6.94 -1.44 34.04
C GLU B 315 -5.52 -1.50 33.49
N PRO B 316 -5.12 -2.52 32.69
CA PRO B 316 -3.76 -2.59 32.18
C PRO B 316 -3.39 -1.38 31.30
N LEU B 317 -4.37 -0.85 30.56
CA LEU B 317 -4.11 0.23 29.62
C LEU B 317 -3.59 1.44 30.39
N PHE B 318 -4.22 1.70 31.53
CA PHE B 318 -3.98 2.95 32.22
C PHE B 318 -2.68 2.91 33.02
N ARG B 319 -2.43 1.77 33.68
CA ARG B 319 -1.16 1.55 34.35
C ARG B 319 -0.07 1.99 33.37
N GLN B 320 -0.22 1.56 32.12
CA GLN B 320 0.73 1.87 31.06
C GLN B 320 0.78 3.37 30.79
N LEU B 321 -0.38 4.02 30.86
CA LEU B 321 -0.48 5.39 30.39
C LEU B 321 -0.02 6.35 31.46
N ALA B 322 -0.27 5.93 32.71
CA ALA B 322 0.15 6.70 33.86
C ALA B 322 1.68 6.74 33.89
N LYS B 323 2.31 5.75 33.24
CA LYS B 323 3.77 5.68 33.18
C LYS B 323 4.29 6.69 32.16
N CYS B 324 3.48 6.94 31.13
CA CYS B 324 3.92 7.74 29.99
C CYS B 324 3.86 9.21 30.34
N VAL B 325 2.82 9.60 31.11
CA VAL B 325 2.64 10.97 31.57
C VAL B 325 3.87 11.38 32.38
N SER B 326 4.55 10.36 32.96
CA SER B 326 5.76 10.56 33.73
C SER B 326 6.99 10.32 32.86
N SER B 327 6.88 9.38 31.92
CA SER B 327 7.96 9.03 31.01
C SER B 327 8.94 10.20 30.83
N PRO B 328 10.19 10.09 31.32
CA PRO B 328 11.17 11.16 31.17
C PRO B 328 11.31 11.70 29.75
N HIS B 329 11.34 10.81 28.75
CA HIS B 329 11.20 11.25 27.37
C HIS B 329 9.95 12.13 27.26
N PHE B 330 10.17 13.42 27.01
CA PHE B 330 9.24 14.52 27.27
C PHE B 330 7.99 14.42 26.40
N GLN B 331 8.19 14.40 25.07
CA GLN B 331 7.14 14.42 24.06
C GLN B 331 6.25 13.19 24.21
N VAL B 332 6.77 12.16 24.88
CA VAL B 332 5.99 10.99 25.26
C VAL B 332 4.87 11.43 26.22
N ALA B 333 5.27 12.13 27.29
CA ALA B 333 4.39 12.56 28.36
C ALA B 333 3.29 13.49 27.83
N GLU B 334 3.71 14.54 27.12
CA GLU B 334 2.78 15.46 26.52
C GLU B 334 1.74 14.69 25.70
N ARG B 335 2.21 13.72 24.90
CA ARG B 335 1.34 12.95 24.01
C ARG B 335 0.39 12.15 24.90
N ALA B 336 0.92 11.63 26.00
CA ALA B 336 0.11 10.90 26.96
C ALA B 336 -0.93 11.85 27.55
N LEU B 337 -0.56 13.14 27.66
CA LEU B 337 -1.43 14.15 28.25
C LEU B 337 -2.65 14.43 27.34
N TYR B 338 -2.46 14.40 26.01
CA TYR B 338 -3.46 14.88 25.07
C TYR B 338 -4.68 13.94 25.08
N TYR B 339 -4.55 12.82 25.78
CA TYR B 339 -5.66 11.89 25.91
C TYR B 339 -6.80 12.52 26.70
N TRP B 340 -6.46 13.42 27.63
CA TRP B 340 -7.39 13.96 28.60
C TRP B 340 -8.24 15.05 27.95
N ASN B 341 -7.84 15.44 26.74
CA ASN B 341 -8.53 16.47 25.98
C ASN B 341 -9.56 15.78 25.08
N ASN B 342 -9.57 14.45 25.10
CA ASN B 342 -10.47 13.68 24.26
C ASN B 342 -11.77 13.50 25.01
N GLU B 343 -12.87 14.05 24.44
CA GLU B 343 -14.17 14.09 25.10
C GLU B 343 -14.70 12.69 25.38
N TYR B 344 -14.50 11.76 24.43
CA TYR B 344 -15.02 10.39 24.56
C TYR B 344 -14.22 9.60 25.59
N ILE B 345 -12.90 9.63 25.43
CA ILE B 345 -11.96 9.04 26.37
C ILE B 345 -12.27 9.52 27.79
N MET B 346 -12.67 10.80 27.96
CA MET B 346 -12.86 11.31 29.31
C MET B 346 -14.23 10.89 29.86
N SER B 347 -15.21 10.66 28.94
CA SER B 347 -16.45 9.98 29.28
C SER B 347 -16.20 8.56 29.82
N LEU B 348 -15.40 7.78 29.08
CA LEU B 348 -15.09 6.40 29.42
C LEU B 348 -14.48 6.34 30.82
N ILE B 349 -13.63 7.33 31.14
CA ILE B 349 -13.01 7.42 32.45
C ILE B 349 -14.08 7.79 33.47
N SER B 350 -14.82 8.87 33.20
CA SER B 350 -15.96 9.21 34.02
C SER B 350 -16.80 7.97 34.34
N ASP B 351 -17.31 7.27 33.31
CA ASP B 351 -18.11 6.07 33.50
C ASP B 351 -17.44 5.12 34.50
N ASN B 352 -16.10 5.18 34.64
CA ASN B 352 -15.35 4.19 35.40
C ASN B 352 -14.31 4.81 36.35
N ALA B 353 -14.48 6.08 36.72
CA ALA B 353 -13.43 6.84 37.42
C ALA B 353 -13.01 6.10 38.68
N ALA B 354 -13.98 5.35 39.19
CA ALA B 354 -13.83 4.43 40.30
C ALA B 354 -12.48 3.71 40.17
N LYS B 355 -12.31 2.89 39.11
CA LYS B 355 -11.16 2.00 38.97
C LYS B 355 -9.98 2.69 38.26
N ILE B 356 -10.25 3.79 37.53
CA ILE B 356 -9.23 4.36 36.67
C ILE B 356 -8.44 5.43 37.40
N LEU B 357 -9.17 6.29 38.14
CA LEU B 357 -8.64 7.52 38.74
C LEU B 357 -7.55 7.22 39.77
N PRO B 358 -7.69 6.16 40.59
CA PRO B 358 -6.67 5.82 41.59
C PRO B 358 -5.33 5.51 40.94
N ILE B 359 -5.34 5.27 39.63
CA ILE B 359 -4.15 5.22 38.79
C ILE B 359 -3.77 6.66 38.39
N MET B 360 -3.85 7.52 39.40
CA MET B 360 -2.94 8.61 39.71
C MET B 360 -3.12 8.90 41.21
N PHE B 361 -2.04 8.69 41.99
CA PHE B 361 -1.84 9.11 43.39
C PHE B 361 -3.13 8.99 44.22
N PRO B 362 -3.47 9.95 45.13
CA PRO B 362 -4.87 10.16 45.58
C PRO B 362 -6.05 9.62 44.76
#